data_3HDT
#
_entry.id   3HDT
#
_cell.length_a   95.443
_cell.length_b   95.443
_cell.length_c   109.375
_cell.angle_alpha   90.00
_cell.angle_beta   90.00
_cell.angle_gamma   90.00
#
_symmetry.space_group_name_H-M   'P 41 21 2'
#
loop_
_entity.id
_entity.type
_entity.pdbx_description
1 polymer 'putative kinase'
2 non-polymer 'PHOSPHATE ION'
3 non-polymer 'CHLORIDE ION'
4 water water
#
_entity_poly.entity_id   1
_entity_poly.type   'polypeptide(L)'
_entity_poly.pdbx_seq_one_letter_code
;SNA(MSE)QGGRF(MSE)GNKNLIITIEREYGSGGRIVGKKLAEELGIHFYDDDILKLASEKSAVGEQFFRLADEKAGNN
LLYRLGGGRKIDLHSKPSPNDKLTSPENLFKFQSEV(MSE)RELAESEPCIFVGRAAGYVLDQDEDIERLIRIFVYTDKV
KKVQRV(MSE)EVDCIDEERAKRRIKKIEKERKEYYKYFTGSEWHS(MSE)KNYDLPINTTKLTLEETAELIKAYIRLKG
F(MSE)D
;
_entity_poly.pdbx_strand_id   A,B
#
# COMPACT_ATOMS: atom_id res chain seq x y z
N ASN A 12 0.54 -20.62 -14.80
CA ASN A 12 2.02 -20.39 -14.89
C ASN A 12 2.33 -19.02 -15.52
N LYS A 13 2.53 -18.98 -16.84
CA LYS A 13 2.88 -17.76 -17.55
C LYS A 13 1.91 -16.60 -17.29
N ASN A 14 0.61 -16.82 -17.48
CA ASN A 14 -0.42 -15.76 -17.40
C ASN A 14 -0.24 -14.71 -16.33
N LEU A 15 -0.61 -13.48 -16.70
CA LEU A 15 -0.56 -12.36 -15.79
C LEU A 15 -1.92 -12.25 -15.17
N ILE A 16 -1.97 -12.30 -13.85
CA ILE A 16 -3.25 -12.22 -13.15
C ILE A 16 -3.23 -11.03 -12.23
N ILE A 17 -4.23 -10.19 -12.32
CA ILE A 17 -4.30 -9.00 -11.50
C ILE A 17 -5.57 -9.07 -10.70
N THR A 18 -5.43 -8.97 -9.39
CA THR A 18 -6.61 -8.83 -8.55
C THR A 18 -6.67 -7.42 -7.95
N ILE A 19 -7.85 -6.81 -8.07
CA ILE A 19 -8.14 -5.49 -7.49
C ILE A 19 -9.31 -5.61 -6.52
N GLU A 20 -9.04 -5.39 -5.27
CA GLU A 20 -10.10 -5.23 -4.32
C GLU A 20 -10.07 -3.77 -3.86
N ARG A 21 -11.13 -3.33 -3.21
CA ARG A 21 -11.19 -1.88 -3.03
C ARG A 21 -12.26 -1.37 -2.11
N GLU A 22 -12.04 -0.16 -1.60
CA GLU A 22 -13.03 0.59 -0.86
C GLU A 22 -14.14 1.00 -1.82
N TYR A 23 -15.38 0.94 -1.34
CA TYR A 23 -16.53 1.38 -2.12
C TYR A 23 -16.54 2.91 -2.27
N GLY A 24 -16.38 3.40 -3.51
CA GLY A 24 -16.25 4.85 -3.72
C GLY A 24 -14.89 5.22 -4.29
N SER A 25 -14.01 4.23 -4.38
CA SER A 25 -12.63 4.39 -4.88
C SER A 25 -12.55 4.32 -6.41
N GLY A 26 -13.53 3.66 -7.02
CA GLY A 26 -13.49 3.38 -8.44
C GLY A 26 -12.56 2.24 -8.78
N GLY A 27 -12.23 1.41 -7.81
CA GLY A 27 -11.42 0.24 -8.10
C GLY A 27 -11.89 -0.57 -9.31
N ARG A 28 -13.19 -0.85 -9.35
CA ARG A 28 -13.82 -1.59 -10.45
C ARG A 28 -13.62 -0.89 -11.80
N ILE A 29 -13.86 0.41 -11.86
CA ILE A 29 -13.67 1.18 -13.08
C ILE A 29 -12.23 1.13 -13.54
N VAL A 30 -11.32 1.25 -12.57
CA VAL A 30 -9.88 1.14 -12.82
C VAL A 30 -9.55 -0.24 -13.40
N GLY A 31 -10.18 -1.28 -12.84
CA GLY A 31 -10.10 -2.63 -13.40
C GLY A 31 -10.59 -2.76 -14.83
N LYS A 32 -11.72 -2.08 -15.14
CA LYS A 32 -12.28 -2.12 -16.48
C LYS A 32 -11.36 -1.46 -17.49
N LYS A 33 -11.09 -0.18 -17.30
CA LYS A 33 -10.07 0.54 -18.09
C LYS A 33 -8.92 -0.40 -18.40
N LEU A 34 -8.29 -0.87 -17.34
CA LEU A 34 -7.09 -1.65 -17.43
C LEU A 34 -7.26 -2.92 -18.22
N ALA A 35 -8.41 -3.60 -18.09
CA ALA A 35 -8.68 -4.81 -18.89
C ALA A 35 -8.70 -4.51 -20.38
N GLU A 36 -9.35 -3.40 -20.75
CA GLU A 36 -9.43 -2.94 -22.13
C GLU A 36 -8.04 -2.60 -22.64
N GLU A 37 -7.42 -1.56 -22.08
CA GLU A 37 -6.11 -1.16 -22.57
C GLU A 37 -5.12 -2.30 -22.68
N LEU A 38 -5.33 -3.38 -21.93
CA LEU A 38 -4.39 -4.50 -22.02
C LEU A 38 -4.94 -5.71 -22.77
N GLY A 39 -6.21 -5.64 -23.14
CA GLY A 39 -6.91 -6.75 -23.79
C GLY A 39 -7.15 -7.99 -22.94
N ILE A 40 -7.08 -7.85 -21.62
CA ILE A 40 -7.27 -8.97 -20.68
C ILE A 40 -8.73 -9.13 -20.34
N HIS A 41 -9.22 -10.37 -20.32
CA HIS A 41 -10.59 -10.65 -19.83
C HIS A 41 -10.83 -10.17 -18.39
N PHE A 42 -12.08 -9.87 -18.06
CA PHE A 42 -12.41 -9.09 -16.88
C PHE A 42 -13.59 -9.72 -16.13
N TYR A 43 -13.36 -10.09 -14.88
CA TYR A 43 -14.38 -10.75 -14.07
C TYR A 43 -14.62 -10.02 -12.74
N ASP A 44 -15.85 -9.56 -12.50
CA ASP A 44 -16.13 -8.80 -11.28
C ASP A 44 -17.13 -9.51 -10.37
N ASP A 45 -17.54 -8.79 -9.31
CA ASP A 45 -18.54 -9.27 -8.34
C ASP A 45 -19.73 -9.96 -9.02
N ASP A 46 -20.47 -9.20 -9.84
CA ASP A 46 -21.66 -9.68 -10.55
C ASP A 46 -21.36 -10.87 -11.46
N ILE A 47 -20.31 -10.75 -12.28
CA ILE A 47 -20.02 -11.84 -13.21
C ILE A 47 -19.64 -13.09 -12.39
N LEU A 48 -18.80 -12.91 -11.37
CA LEU A 48 -18.46 -13.99 -10.44
C LEU A 48 -19.71 -14.51 -9.73
N LYS A 49 -20.59 -13.62 -9.29
CA LYS A 49 -21.89 -14.04 -8.71
C LYS A 49 -22.68 -14.92 -9.68
N LEU A 50 -23.06 -14.36 -10.84
CA LEU A 50 -23.84 -15.12 -11.85
C LEU A 50 -23.10 -16.40 -12.22
N ALA A 51 -21.77 -16.34 -12.18
CA ALA A 51 -20.89 -17.49 -12.41
C ALA A 51 -21.21 -18.65 -11.48
N SER A 52 -21.33 -18.33 -10.17
CA SER A 52 -21.71 -19.31 -9.13
C SER A 52 -22.95 -20.13 -9.45
N GLU A 53 -23.85 -19.56 -10.26
CA GLU A 53 -25.08 -20.25 -10.64
C GLU A 53 -24.86 -21.23 -11.80
N LYS A 54 -23.78 -21.00 -12.56
CA LYS A 54 -23.37 -21.85 -13.68
C LYS A 54 -22.71 -23.14 -13.19
N SER A 97 -25.22 -24.37 0.08
CA SER A 97 -24.52 -23.91 1.26
C SER A 97 -23.55 -22.82 0.84
N PRO A 98 -23.64 -21.61 1.44
CA PRO A 98 -22.72 -20.50 1.08
C PRO A 98 -21.20 -20.80 1.20
N GLU A 99 -20.85 -21.91 1.84
CA GLU A 99 -19.46 -22.40 1.90
C GLU A 99 -19.17 -23.26 0.68
N ASN A 100 -20.25 -23.81 0.09
CA ASN A 100 -20.22 -24.41 -1.23
C ASN A 100 -20.06 -23.33 -2.28
N LEU A 101 -20.93 -22.32 -2.21
CA LEU A 101 -20.92 -21.20 -3.16
C LEU A 101 -19.51 -20.58 -3.28
N PHE A 102 -18.81 -20.52 -2.15
CA PHE A 102 -17.47 -19.96 -2.11
C PHE A 102 -16.47 -20.94 -2.71
N LYS A 103 -16.52 -22.18 -2.25
CA LYS A 103 -15.66 -23.24 -2.79
C LYS A 103 -15.76 -23.34 -4.31
N PHE A 104 -17.00 -23.30 -4.79
CA PHE A 104 -17.32 -23.30 -6.21
C PHE A 104 -16.62 -22.10 -6.86
N GLN A 105 -16.85 -20.91 -6.29
CA GLN A 105 -16.33 -19.67 -6.87
C GLN A 105 -14.79 -19.64 -6.90
N SER A 106 -14.15 -20.22 -5.89
CA SER A 106 -12.69 -20.31 -5.92
C SER A 106 -12.19 -21.20 -7.05
N GLU A 107 -12.79 -22.40 -7.20
CA GLU A 107 -12.32 -23.31 -8.22
C GLU A 107 -12.49 -22.70 -9.62
N VAL A 108 -13.50 -21.85 -9.76
CA VAL A 108 -13.72 -21.15 -11.02
C VAL A 108 -12.60 -20.14 -11.26
N ARG A 110 -9.56 -20.05 -10.12
CA ARG A 110 -8.29 -20.71 -10.37
C ARG A 110 -8.23 -21.30 -11.77
N GLU A 111 -9.40 -21.64 -12.31
CA GLU A 111 -9.46 -22.28 -13.61
C GLU A 111 -9.16 -21.25 -14.69
N LEU A 112 -9.90 -20.15 -14.64
CA LEU A 112 -9.66 -19.00 -15.49
C LEU A 112 -8.20 -18.63 -15.55
N ALA A 113 -7.64 -18.29 -14.38
CA ALA A 113 -6.23 -17.96 -14.21
C ALA A 113 -5.28 -18.97 -14.84
N GLU A 114 -5.56 -20.26 -14.63
CA GLU A 114 -4.79 -21.36 -15.23
C GLU A 114 -4.78 -21.28 -16.74
N SER A 115 -5.85 -20.78 -17.34
CA SER A 115 -5.99 -20.81 -18.78
C SER A 115 -5.97 -19.46 -19.52
N GLU A 116 -6.02 -18.35 -18.79
CA GLU A 116 -5.96 -17.04 -19.44
C GLU A 116 -5.24 -16.06 -18.56
N PRO A 117 -4.73 -14.96 -19.15
CA PRO A 117 -4.43 -13.79 -18.32
C PRO A 117 -5.76 -13.11 -18.05
N CYS A 118 -5.89 -12.42 -16.93
CA CYS A 118 -7.15 -11.72 -16.62
C CYS A 118 -7.10 -10.89 -15.36
N ILE A 119 -8.11 -10.04 -15.22
CA ILE A 119 -8.28 -9.13 -14.07
C ILE A 119 -9.53 -9.51 -13.26
N PHE A 120 -9.34 -9.87 -11.99
CA PHE A 120 -10.46 -10.08 -11.09
C PHE A 120 -10.66 -8.89 -10.19
N VAL A 121 -11.94 -8.56 -9.98
CA VAL A 121 -12.33 -7.48 -9.04
C VAL A 121 -13.25 -7.97 -7.90
N GLY A 122 -12.77 -7.82 -6.67
CA GLY A 122 -13.60 -8.09 -5.49
C GLY A 122 -13.64 -9.53 -5.00
N ARG A 123 -14.39 -9.71 -3.92
CA ARG A 123 -14.72 -11.02 -3.38
C ARG A 123 -13.49 -11.86 -3.03
N ALA A 124 -12.58 -11.24 -2.28
CA ALA A 124 -11.36 -11.88 -1.74
C ALA A 124 -10.54 -12.61 -2.80
N ALA A 125 -10.51 -12.07 -4.02
CA ALA A 125 -9.82 -12.72 -5.12
C ALA A 125 -8.33 -12.81 -4.86
N GLY A 126 -7.79 -11.75 -4.26
CA GLY A 126 -6.37 -11.70 -3.92
C GLY A 126 -5.93 -12.81 -2.98
N TYR A 127 -6.69 -13.02 -1.91
CA TYR A 127 -6.47 -14.14 -1.03
C TYR A 127 -6.54 -15.44 -1.81
N VAL A 128 -7.64 -15.66 -2.52
CA VAL A 128 -7.84 -16.96 -3.12
C VAL A 128 -6.67 -17.33 -4.01
N LEU A 129 -6.21 -16.38 -4.80
CA LEU A 129 -5.21 -16.72 -5.82
C LEU A 129 -3.80 -16.80 -5.22
N ASP A 130 -3.60 -16.06 -4.14
CA ASP A 130 -2.38 -16.18 -3.35
C ASP A 130 -2.17 -17.59 -2.85
N GLN A 131 -3.25 -18.36 -2.73
CA GLN A 131 -3.19 -19.73 -2.25
C GLN A 131 -2.73 -20.62 -3.35
N ASP A 132 -3.06 -20.23 -4.58
CA ASP A 132 -2.76 -21.11 -5.70
C ASP A 132 -1.28 -21.04 -6.09
N GLU A 133 -0.52 -22.05 -5.65
CA GLU A 133 0.95 -22.07 -5.80
C GLU A 133 1.39 -22.27 -7.25
N ASP A 134 0.45 -22.62 -8.12
CA ASP A 134 0.74 -22.71 -9.55
C ASP A 134 0.83 -21.35 -10.25
N ILE A 135 0.16 -20.33 -9.70
CA ILE A 135 0.15 -18.99 -10.30
C ILE A 135 1.45 -18.24 -10.05
N GLU A 136 2.03 -17.68 -11.11
CA GLU A 136 3.31 -17.02 -10.97
C GLU A 136 3.28 -15.53 -11.06
N ARG A 137 2.34 -14.99 -11.82
CA ARG A 137 2.32 -13.56 -12.08
C ARG A 137 1.08 -12.89 -11.49
N LEU A 138 0.89 -13.08 -10.21
CA LEU A 138 -0.22 -12.48 -9.50
C LEU A 138 0.18 -11.10 -8.93
N ILE A 139 -0.62 -10.09 -9.19
CA ILE A 139 -0.38 -8.77 -8.61
C ILE A 139 -1.64 -8.38 -7.93
N ARG A 140 -1.52 -8.09 -6.65
CA ARG A 140 -2.68 -7.86 -5.81
C ARG A 140 -2.77 -6.38 -5.42
N ILE A 141 -3.84 -5.72 -5.84
CA ILE A 141 -4.01 -4.30 -5.56
C ILE A 141 -5.17 -4.06 -4.61
N PHE A 142 -5.01 -3.08 -3.73
CA PHE A 142 -6.14 -2.60 -2.96
C PHE A 142 -6.28 -1.12 -3.26
N VAL A 143 -7.45 -0.69 -3.70
CA VAL A 143 -7.63 0.72 -3.98
C VAL A 143 -8.37 1.40 -2.84
N TYR A 144 -7.81 2.44 -2.27
CA TYR A 144 -8.46 3.10 -1.16
C TYR A 144 -8.41 4.62 -1.27
N THR A 145 -9.24 5.33 -0.50
CA THR A 145 -9.44 6.74 -0.77
C THR A 145 -10.02 7.41 0.45
N ASP A 146 -9.74 8.69 0.66
CA ASP A 146 -10.48 9.43 1.67
C ASP A 146 -12.00 9.38 1.57
N LYS A 147 -12.59 9.20 2.73
CA LYS A 147 -14.01 9.45 2.92
C LYS A 147 -14.47 10.65 2.08
N VAL A 148 -13.83 11.83 2.20
CA VAL A 148 -14.35 12.98 1.49
C VAL A 148 -14.50 12.71 0.01
N LYS A 149 -13.49 12.07 -0.60
CA LYS A 149 -13.53 11.86 -2.05
C LYS A 149 -14.53 10.78 -2.39
N LYS A 150 -14.56 9.72 -1.58
CA LYS A 150 -15.48 8.59 -1.75
C LYS A 150 -16.95 9.03 -1.67
N VAL A 151 -17.30 9.84 -0.65
CA VAL A 151 -18.66 10.38 -0.53
C VAL A 151 -19.03 11.12 -1.81
N GLN A 152 -18.13 11.91 -2.37
CA GLN A 152 -18.46 12.62 -3.62
C GLN A 152 -18.62 11.72 -4.83
N ARG A 153 -17.78 10.72 -4.97
CA ARG A 153 -18.00 9.76 -6.03
C ARG A 153 -19.36 9.02 -5.93
N VAL A 154 -19.68 8.51 -4.73
CA VAL A 154 -20.88 7.75 -4.49
C VAL A 154 -22.11 8.63 -4.68
N GLU A 156 -22.35 11.12 -6.66
CA GLU A 156 -22.58 11.31 -8.08
C GLU A 156 -22.96 10.01 -8.79
N VAL A 157 -22.18 8.96 -8.60
CA VAL A 157 -22.38 7.75 -9.37
C VAL A 157 -23.67 7.02 -9.04
N ASP A 158 -24.10 7.09 -7.78
CA ASP A 158 -25.35 6.47 -7.36
C ASP A 158 -26.50 7.43 -7.21
N CYS A 159 -26.24 8.73 -7.37
CA CYS A 159 -27.27 9.77 -7.28
C CYS A 159 -28.00 9.72 -5.98
N ILE A 160 -27.26 9.70 -4.88
CA ILE A 160 -27.91 9.78 -3.59
C ILE A 160 -27.37 11.01 -2.91
N ASP A 161 -27.95 11.40 -1.79
CA ASP A 161 -27.33 12.50 -1.03
C ASP A 161 -26.12 12.13 -0.11
N GLU A 162 -25.60 13.17 0.55
CA GLU A 162 -24.44 13.04 1.43
C GLU A 162 -24.64 11.95 2.52
N GLU A 163 -25.78 12.04 3.24
CA GLU A 163 -26.10 11.12 4.35
C GLU A 163 -26.24 9.72 3.80
N ARG A 164 -27.08 9.58 2.80
CA ARG A 164 -27.27 8.29 2.20
C ARG A 164 -25.95 7.70 1.73
N ALA A 165 -25.06 8.57 1.20
CA ALA A 165 -23.82 8.10 0.56
C ALA A 165 -22.90 7.57 1.62
N LYS A 166 -22.79 8.31 2.71
CA LYS A 166 -22.07 7.84 3.91
C LYS A 166 -22.58 6.50 4.37
N ARG A 167 -23.88 6.36 4.60
CA ARG A 167 -24.38 5.09 5.05
C ARG A 167 -24.09 3.95 4.08
N ARG A 168 -24.09 4.22 2.79
CA ARG A 168 -23.84 3.17 1.80
C ARG A 168 -22.41 2.65 1.85
N ILE A 169 -21.47 3.59 1.93
CA ILE A 169 -20.05 3.29 2.05
C ILE A 169 -19.74 2.40 3.27
N LYS A 170 -20.28 2.78 4.43
CA LYS A 170 -20.18 1.97 5.65
C LYS A 170 -20.68 0.56 5.37
N LYS A 171 -21.83 0.47 4.71
CA LYS A 171 -22.51 -0.80 4.50
C LYS A 171 -21.80 -1.74 3.51
N ILE A 172 -21.44 -1.24 2.32
CA ILE A 172 -20.76 -2.12 1.38
C ILE A 172 -19.37 -2.51 1.88
N GLU A 173 -18.73 -1.61 2.61
CA GLU A 173 -17.40 -1.90 3.11
C GLU A 173 -17.51 -2.94 4.21
N LYS A 174 -18.56 -2.85 5.03
CA LYS A 174 -18.88 -3.86 6.03
C LYS A 174 -19.05 -5.24 5.36
N GLU A 175 -19.75 -5.25 4.23
CA GLU A 175 -20.06 -6.46 3.52
C GLU A 175 -18.81 -7.11 2.99
N ARG A 176 -17.93 -6.28 2.47
CA ARG A 176 -16.73 -6.75 1.85
C ARG A 176 -15.75 -7.31 2.90
N LYS A 177 -15.64 -6.56 4.00
CA LYS A 177 -14.83 -6.92 5.14
C LYS A 177 -15.30 -8.25 5.72
N GLU A 178 -16.58 -8.33 6.07
CA GLU A 178 -17.12 -9.54 6.66
C GLU A 178 -17.04 -10.77 5.73
N TYR A 179 -17.23 -10.52 4.44
CA TYR A 179 -17.18 -11.60 3.47
C TYR A 179 -15.80 -12.21 3.56
N TYR A 180 -14.81 -11.32 3.47
CA TYR A 180 -13.41 -11.66 3.49
C TYR A 180 -13.05 -12.41 4.79
N LYS A 181 -13.41 -11.81 5.92
CA LYS A 181 -13.15 -12.41 7.21
C LYS A 181 -13.80 -13.78 7.29
N TYR A 182 -15.03 -13.92 6.80
CA TYR A 182 -15.71 -15.19 6.94
C TYR A 182 -15.00 -16.26 6.16
N PHE A 183 -14.50 -15.91 4.98
CA PHE A 183 -14.03 -16.96 4.08
C PHE A 183 -12.53 -17.22 4.08
N THR A 184 -11.73 -16.15 4.16
CA THR A 184 -10.30 -16.28 4.20
C THR A 184 -9.81 -16.50 5.63
N GLY A 185 -10.54 -15.92 6.58
CA GLY A 185 -10.10 -15.87 7.97
C GLY A 185 -9.08 -14.77 8.18
N SER A 186 -8.67 -14.12 7.10
CA SER A 186 -7.77 -13.00 7.21
C SER A 186 -8.57 -11.70 7.18
N GLU A 187 -7.88 -10.55 7.05
CA GLU A 187 -8.52 -9.22 7.06
C GLU A 187 -8.41 -8.48 5.72
N TRP A 188 -9.57 -8.16 5.17
CA TRP A 188 -9.71 -7.45 3.91
C TRP A 188 -8.91 -6.13 3.84
N HIS A 189 -8.90 -5.39 4.95
CA HIS A 189 -8.31 -4.07 4.91
C HIS A 189 -6.89 -4.05 5.41
N SER A 190 -6.16 -5.16 5.25
CA SER A 190 -4.82 -5.31 5.82
C SER A 190 -3.74 -5.34 4.75
N LYS A 192 -0.69 -6.53 4.45
CA LYS A 192 -0.13 -7.87 4.25
C LYS A 192 -0.78 -8.66 3.16
N ASN A 193 -2.04 -8.36 2.84
CA ASN A 193 -2.84 -9.14 1.88
C ASN A 193 -2.74 -8.75 0.41
N TYR A 194 -1.80 -7.83 0.13
CA TYR A 194 -1.66 -7.11 -1.15
C TYR A 194 -0.21 -6.82 -1.48
N ASP A 195 0.08 -6.69 -2.76
CA ASP A 195 1.36 -6.19 -3.24
C ASP A 195 1.36 -4.69 -3.29
N LEU A 196 0.25 -4.10 -3.68
CA LEU A 196 0.27 -2.68 -3.83
C LEU A 196 -1.05 -2.06 -3.46
N PRO A 197 -1.09 -1.38 -2.32
CA PRO A 197 -2.25 -0.59 -2.03
C PRO A 197 -2.03 0.80 -2.58
N ILE A 198 -2.99 1.32 -3.33
CA ILE A 198 -2.88 2.67 -3.86
C ILE A 198 -3.86 3.63 -3.21
N ASN A 199 -3.33 4.70 -2.65
CA ASN A 199 -4.13 5.81 -2.19
C ASN A 199 -4.49 6.70 -3.39
N THR A 200 -5.76 6.78 -3.74
CA THR A 200 -6.21 7.56 -4.89
C THR A 200 -6.81 8.88 -4.48
N THR A 201 -6.64 9.22 -3.21
CA THR A 201 -7.08 10.49 -2.69
C THR A 201 -6.65 11.60 -3.60
N LYS A 202 -5.40 11.59 -4.04
CA LYS A 202 -4.91 12.60 -5.02
C LYS A 202 -4.57 12.06 -6.44
N LEU A 203 -5.14 10.93 -6.84
CA LEU A 203 -5.01 10.47 -8.21
C LEU A 203 -6.34 10.42 -8.97
N THR A 204 -6.23 10.63 -10.28
CA THR A 204 -7.27 10.28 -11.22
C THR A 204 -7.21 8.78 -11.38
N LEU A 205 -8.32 8.20 -11.81
CA LEU A 205 -8.43 6.76 -12.01
C LEU A 205 -7.44 6.33 -13.10
N GLU A 206 -7.15 7.26 -13.99
CA GLU A 206 -6.20 7.05 -15.05
C GLU A 206 -4.79 6.96 -14.50
N GLU A 207 -4.36 7.98 -13.75
CA GLU A 207 -3.06 7.92 -13.12
C GLU A 207 -2.94 6.57 -12.41
N THR A 208 -3.94 6.26 -11.59
CA THR A 208 -4.01 4.96 -10.92
C THR A 208 -3.79 3.74 -11.85
N ALA A 209 -4.58 3.67 -12.91
CA ALA A 209 -4.37 2.66 -13.90
C ALA A 209 -2.90 2.62 -14.38
N GLU A 210 -2.29 3.78 -14.66
CA GLU A 210 -0.90 3.82 -15.16
C GLU A 210 0.11 3.36 -14.12
N LEU A 211 -0.18 3.61 -12.86
CA LEU A 211 0.70 3.17 -11.79
C LEU A 211 0.71 1.66 -11.80
N ILE A 212 -0.44 1.04 -12.07
CA ILE A 212 -0.51 -0.41 -12.13
C ILE A 212 0.27 -0.90 -13.33
N LYS A 213 0.31 -0.09 -14.38
CA LYS A 213 1.04 -0.46 -15.56
C LYS A 213 2.50 -0.23 -15.31
N ALA A 214 2.85 0.91 -14.72
CA ALA A 214 4.22 1.11 -14.30
C ALA A 214 4.69 -0.16 -13.60
N TYR A 215 3.81 -0.76 -12.80
CA TYR A 215 4.18 -1.91 -12.00
C TYR A 215 4.35 -3.21 -12.80
N ILE A 216 3.31 -3.60 -13.55
CA ILE A 216 3.42 -4.73 -14.49
C ILE A 216 4.71 -4.68 -15.30
N ARG A 217 5.07 -3.49 -15.76
CA ARG A 217 6.31 -3.30 -16.52
C ARG A 217 7.57 -3.62 -15.72
N LEU A 218 7.75 -2.97 -14.55
CA LEU A 218 8.91 -3.24 -13.66
C LEU A 218 9.14 -4.72 -13.48
N LYS A 219 8.08 -5.44 -13.15
CA LYS A 219 8.13 -6.87 -12.91
C LYS A 219 8.57 -7.67 -14.13
N GLY A 220 8.59 -6.99 -15.27
CA GLY A 220 8.92 -7.59 -16.54
C GLY A 220 7.76 -8.42 -17.06
N PHE A 221 6.54 -8.09 -16.68
CA PHE A 221 5.41 -8.90 -17.14
C PHE A 221 4.77 -8.26 -18.39
N ASN B 12 8.46 25.87 -1.66
CA ASN B 12 9.51 24.93 -2.16
C ASN B 12 8.87 24.02 -3.20
N LYS B 13 9.52 23.89 -4.35
CA LYS B 13 9.16 22.87 -5.30
C LYS B 13 10.09 21.68 -5.05
N ASN B 14 10.74 21.65 -3.87
CA ASN B 14 11.68 20.58 -3.48
C ASN B 14 11.00 19.23 -3.32
N LEU B 15 11.62 18.18 -3.84
CA LEU B 15 10.99 16.87 -3.79
C LEU B 15 11.30 16.32 -2.43
N ILE B 16 10.27 15.98 -1.66
CA ILE B 16 10.51 15.38 -0.36
C ILE B 16 9.87 14.00 -0.32
N ILE B 17 10.67 12.98 0.02
CA ILE B 17 10.18 11.63 0.20
C ILE B 17 10.34 11.25 1.67
N THR B 18 9.32 10.62 2.26
CA THR B 18 9.43 10.07 3.62
C THR B 18 9.14 8.59 3.61
N ILE B 19 10.02 7.80 4.19
CA ILE B 19 9.79 6.36 4.20
C ILE B 19 9.64 5.88 5.61
N GLU B 20 8.52 5.22 5.91
CA GLU B 20 8.34 4.58 7.19
C GLU B 20 8.16 3.11 6.94
N ARG B 21 8.41 2.28 7.94
CA ARG B 21 8.49 0.86 7.65
C ARG B 21 8.43 -0.03 8.86
N GLU B 22 8.04 -1.28 8.61
CA GLU B 22 8.18 -2.36 9.55
C GLU B 22 9.65 -2.62 9.79
N TYR B 23 10.00 -3.02 11.00
CA TYR B 23 11.37 -3.44 11.30
C TYR B 23 11.67 -4.71 10.51
N GLY B 24 12.77 -4.68 9.75
CA GLY B 24 13.16 -5.86 8.97
C GLY B 24 12.65 -5.83 7.55
N SER B 25 12.15 -4.67 7.12
CA SER B 25 11.61 -4.53 5.80
C SER B 25 12.63 -3.90 4.84
N GLY B 26 13.73 -3.37 5.38
CA GLY B 26 14.72 -2.67 4.53
C GLY B 26 14.18 -1.39 3.96
N GLY B 27 13.34 -0.71 4.74
CA GLY B 27 12.87 0.63 4.40
C GLY B 27 14.05 1.56 4.26
N ARG B 28 14.94 1.56 5.22
CA ARG B 28 16.22 2.30 5.12
C ARG B 28 17.09 1.98 3.89
N ILE B 29 17.23 0.69 3.58
CA ILE B 29 17.96 0.24 2.41
C ILE B 29 17.43 0.96 1.20
N VAL B 30 16.12 0.81 0.98
CA VAL B 30 15.40 1.47 -0.12
C VAL B 30 15.60 2.98 -0.06
N GLY B 31 15.55 3.54 1.15
CA GLY B 31 15.79 4.97 1.31
C GLY B 31 17.16 5.39 0.78
N LYS B 32 18.17 4.57 1.06
CA LYS B 32 19.52 4.91 0.61
C LYS B 32 19.72 4.83 -0.89
N LYS B 33 19.24 3.76 -1.53
CA LYS B 33 19.38 3.58 -2.97
C LYS B 33 18.85 4.81 -3.69
N LEU B 34 17.60 5.14 -3.41
CA LEU B 34 16.97 6.37 -3.87
C LEU B 34 17.81 7.59 -3.60
N ALA B 35 18.24 7.77 -2.34
CA ALA B 35 19.13 8.89 -2.02
C ALA B 35 20.26 8.97 -3.03
N GLU B 36 21.04 7.90 -3.18
CA GLU B 36 22.12 7.87 -4.19
C GLU B 36 21.47 8.07 -5.55
N GLU B 37 20.73 7.07 -6.01
CA GLU B 37 20.14 7.07 -7.35
C GLU B 37 19.57 8.39 -7.84
N LEU B 38 19.15 9.25 -6.93
CA LEU B 38 18.53 10.52 -7.32
C LEU B 38 19.37 11.77 -7.08
N GLY B 39 20.52 11.60 -6.42
CA GLY B 39 21.40 12.70 -6.09
C GLY B 39 20.84 13.61 -5.00
N ILE B 40 20.14 13.00 -4.06
CA ILE B 40 19.34 13.69 -3.06
C ILE B 40 19.86 13.27 -1.68
N HIS B 41 19.91 14.21 -0.74
CA HIS B 41 20.31 13.91 0.66
C HIS B 41 19.39 12.93 1.39
N PHE B 42 19.92 12.28 2.43
CA PHE B 42 19.26 11.16 3.12
C PHE B 42 19.36 11.25 4.66
N TYR B 43 18.25 11.11 5.38
CA TYR B 43 18.25 11.30 6.85
C TYR B 43 17.45 10.23 7.59
N ASP B 44 18.10 9.51 8.50
CA ASP B 44 17.44 8.44 9.26
C ASP B 44 17.16 8.78 10.74
N ASP B 45 16.52 7.85 11.46
CA ASP B 45 16.28 7.96 12.91
C ASP B 45 17.51 8.45 13.63
N ASP B 46 18.57 7.67 13.51
CA ASP B 46 19.80 7.87 14.26
C ASP B 46 20.45 9.23 14.00
N ILE B 47 20.48 9.70 12.76
CA ILE B 47 21.01 11.04 12.47
C ILE B 47 20.08 12.06 13.10
N LEU B 48 18.77 11.82 12.97
CA LEU B 48 17.77 12.67 13.60
C LEU B 48 17.92 12.61 15.14
N LYS B 49 18.08 11.40 15.68
CA LYS B 49 18.31 11.19 17.11
C LYS B 49 19.46 12.06 17.60
N LEU B 50 20.67 11.82 17.08
CA LEU B 50 21.83 12.62 17.44
C LEU B 50 21.61 14.09 17.11
N ALA B 51 20.67 14.35 16.22
CA ALA B 51 20.38 15.72 15.78
C ALA B 51 19.74 16.55 16.89
N SER B 52 18.61 16.05 17.40
CA SER B 52 17.85 16.74 18.46
C SER B 52 18.78 17.20 19.57
N GLU B 53 19.27 16.25 20.38
CA GLU B 53 20.25 16.53 21.44
C GLU B 53 20.76 17.98 21.52
N LYS B 54 21.79 18.34 20.74
CA LYS B 54 22.36 19.71 20.78
C LYS B 54 22.19 20.46 19.45
N SER B 97 12.51 17.03 27.89
CA SER B 97 11.42 16.07 27.89
C SER B 97 11.61 15.04 26.78
N PRO B 98 10.88 13.94 26.85
CA PRO B 98 10.76 13.04 25.70
C PRO B 98 9.84 13.73 24.69
N GLU B 99 9.27 14.86 25.11
CA GLU B 99 8.21 15.55 24.38
C GLU B 99 8.67 16.88 23.76
N ASN B 100 9.43 17.67 24.52
CA ASN B 100 10.21 18.77 23.94
C ASN B 100 11.06 18.24 22.77
N LEU B 101 11.74 17.13 23.03
CA LEU B 101 12.57 16.38 22.07
C LEU B 101 11.92 16.23 20.69
N PHE B 102 10.61 15.98 20.67
CA PHE B 102 9.89 15.76 19.41
C PHE B 102 9.62 17.04 18.64
N LYS B 103 9.23 18.09 19.37
CA LYS B 103 8.97 19.39 18.79
C LYS B 103 10.21 19.97 18.13
N PHE B 104 11.35 19.76 18.78
CA PHE B 104 12.67 20.13 18.27
C PHE B 104 12.97 19.46 16.93
N GLN B 105 13.15 18.14 17.02
CA GLN B 105 13.33 17.25 15.87
C GLN B 105 12.48 17.63 14.66
N SER B 106 11.19 17.85 14.90
CA SER B 106 10.27 18.22 13.83
C SER B 106 10.78 19.41 13.04
N GLU B 107 11.16 20.47 13.77
CA GLU B 107 11.63 21.73 13.19
C GLU B 107 12.86 21.57 12.30
N VAL B 108 13.79 20.74 12.74
CA VAL B 108 14.93 20.38 11.93
C VAL B 108 14.55 19.75 10.58
N ARG B 110 11.73 20.10 8.82
CA ARG B 110 11.12 21.17 8.04
C ARG B 110 12.15 22.11 7.45
N GLU B 111 13.18 22.40 8.23
CA GLU B 111 14.27 23.26 7.81
C GLU B 111 15.13 22.57 6.79
N LEU B 112 15.42 21.29 7.02
CA LEU B 112 16.10 20.49 6.03
C LEU B 112 15.30 20.46 4.75
N ALA B 113 14.02 20.13 4.86
CA ALA B 113 13.12 20.04 3.71
C ALA B 113 13.02 21.37 2.99
N GLU B 114 13.08 22.45 3.77
CA GLU B 114 12.97 23.77 3.16
C GLU B 114 14.23 24.18 2.43
N SER B 115 15.38 23.80 2.97
CA SER B 115 16.67 24.16 2.38
C SER B 115 16.95 23.37 1.11
N GLU B 116 16.47 22.13 1.03
CA GLU B 116 16.87 21.20 -0.04
C GLU B 116 15.91 20.00 -0.23
N PRO B 117 15.93 19.36 -1.42
CA PRO B 117 15.29 18.06 -1.56
C PRO B 117 15.98 17.03 -0.69
N CYS B 118 15.22 16.08 -0.13
CA CYS B 118 15.78 15.05 0.77
C CYS B 118 14.86 13.87 1.06
N ILE B 119 15.43 12.76 1.51
CA ILE B 119 14.66 11.59 1.92
C ILE B 119 14.73 11.47 3.44
N PHE B 120 13.58 11.30 4.10
CA PHE B 120 13.60 10.94 5.52
C PHE B 120 13.17 9.48 5.70
N VAL B 121 13.97 8.72 6.46
CA VAL B 121 13.50 7.43 6.94
C VAL B 121 13.16 7.47 8.43
N GLY B 122 11.92 7.13 8.76
CA GLY B 122 11.54 6.76 10.11
C GLY B 122 10.85 7.79 10.95
N ARG B 123 10.21 7.31 12.02
CA ARG B 123 9.75 8.16 13.11
C ARG B 123 8.77 9.24 12.65
N ALA B 124 7.57 8.81 12.24
CA ALA B 124 6.43 9.68 11.92
C ALA B 124 6.80 10.83 10.99
N ALA B 125 7.77 10.57 10.11
CA ALA B 125 8.27 11.56 9.16
C ALA B 125 7.10 12.01 8.29
N GLY B 126 6.44 11.07 7.62
CA GLY B 126 5.20 11.33 6.91
C GLY B 126 4.28 12.35 7.59
N TYR B 127 3.76 12.02 8.77
CA TYR B 127 2.86 12.93 9.48
C TYR B 127 3.49 14.32 9.67
N VAL B 128 4.71 14.33 10.18
CA VAL B 128 5.41 15.60 10.42
C VAL B 128 5.55 16.45 9.16
N LEU B 129 6.33 15.99 8.18
CA LEU B 129 6.54 16.80 6.98
C LEU B 129 5.21 17.24 6.33
N ASP B 130 4.14 16.52 6.67
CA ASP B 130 2.82 16.78 6.11
C ASP B 130 2.20 18.06 6.66
N GLN B 131 2.51 18.37 7.91
CA GLN B 131 2.10 19.63 8.52
C GLN B 131 2.68 20.83 7.77
N ASP B 132 3.97 20.77 7.46
CA ASP B 132 4.63 21.90 6.82
C ASP B 132 3.87 22.35 5.58
N GLU B 133 3.12 23.43 5.72
CA GLU B 133 2.30 23.95 4.62
C GLU B 133 3.14 24.44 3.43
N ASP B 134 4.43 24.69 3.67
CA ASP B 134 5.32 25.15 2.61
C ASP B 134 5.70 24.05 1.64
N ILE B 135 5.86 22.83 2.15
CA ILE B 135 6.26 21.70 1.33
C ILE B 135 5.20 21.40 0.31
N GLU B 136 5.57 21.46 -0.97
CA GLU B 136 4.58 21.35 -2.01
C GLU B 136 4.68 20.00 -2.73
N ARG B 137 5.72 19.25 -2.41
CA ARG B 137 5.94 18.01 -3.11
C ARG B 137 6.43 16.97 -2.14
N LEU B 138 5.46 16.37 -1.46
CA LEU B 138 5.70 15.31 -0.51
C LEU B 138 5.23 13.97 -1.08
N ILE B 139 6.00 12.93 -0.81
CA ILE B 139 5.56 11.56 -1.05
C ILE B 139 5.77 10.72 0.20
N ARG B 140 4.71 10.04 0.63
CA ARG B 140 4.76 9.31 1.85
C ARG B 140 4.63 7.87 1.48
N ILE B 141 5.52 7.07 2.05
CA ILE B 141 5.65 5.68 1.67
C ILE B 141 5.73 4.85 2.91
N PHE B 142 5.12 3.67 2.85
CA PHE B 142 5.24 2.72 3.92
C PHE B 142 5.76 1.45 3.31
N VAL B 143 6.96 1.06 3.74
CA VAL B 143 7.57 -0.19 3.30
C VAL B 143 7.21 -1.32 4.26
N TYR B 144 6.91 -2.48 3.73
CA TYR B 144 6.46 -3.56 4.56
C TYR B 144 6.68 -4.91 3.85
N THR B 145 6.58 -6.00 4.58
CA THR B 145 6.96 -7.23 3.95
C THR B 145 6.30 -8.38 4.67
N ASP B 146 6.31 -9.57 4.09
CA ASP B 146 5.72 -10.69 4.76
C ASP B 146 6.58 -11.04 5.98
N LYS B 147 6.00 -11.82 6.90
CA LYS B 147 6.66 -12.21 8.13
C LYS B 147 7.99 -12.89 7.88
N VAL B 148 8.04 -13.96 7.04
CA VAL B 148 9.28 -14.73 6.81
C VAL B 148 10.41 -13.82 6.44
N LYS B 149 10.16 -12.97 5.49
CA LYS B 149 11.23 -12.21 4.96
C LYS B 149 11.82 -11.28 6.03
N LYS B 150 11.02 -10.67 6.89
CA LYS B 150 11.67 -9.78 7.87
C LYS B 150 12.38 -10.55 8.94
N VAL B 151 11.96 -11.79 9.16
CA VAL B 151 12.61 -12.58 10.19
C VAL B 151 14.00 -12.83 9.69
N GLN B 152 14.10 -13.29 8.43
CA GLN B 152 15.39 -13.53 7.79
C GLN B 152 16.25 -12.30 7.80
N ARG B 153 15.67 -11.17 7.44
CA ARG B 153 16.43 -9.95 7.49
C ARG B 153 16.94 -9.62 8.91
N VAL B 154 16.07 -9.54 9.92
CA VAL B 154 16.56 -9.29 11.28
C VAL B 154 17.67 -10.25 11.79
N GLU B 156 19.93 -12.08 9.96
CA GLU B 156 21.10 -11.84 9.16
C GLU B 156 21.74 -10.57 9.62
N VAL B 157 20.98 -9.47 9.54
CA VAL B 157 21.49 -8.17 9.92
C VAL B 157 21.97 -8.13 11.35
N ASP B 158 21.11 -8.44 12.30
CA ASP B 158 21.52 -8.32 13.71
C ASP B 158 22.30 -9.50 14.21
N CYS B 159 22.51 -10.50 13.33
CA CYS B 159 23.25 -11.71 13.69
C CYS B 159 22.69 -12.34 15.00
N ILE B 160 21.43 -12.75 14.94
CA ILE B 160 20.72 -13.30 16.08
C ILE B 160 19.79 -14.42 15.61
N ASP B 161 19.28 -15.19 16.56
CA ASP B 161 18.25 -16.24 16.38
C ASP B 161 16.91 -15.87 15.81
N GLU B 162 16.22 -16.89 15.32
CA GLU B 162 14.83 -16.73 15.00
C GLU B 162 14.02 -16.24 16.21
N GLU B 163 14.20 -16.89 17.35
CA GLU B 163 13.44 -16.55 18.54
C GLU B 163 13.65 -15.07 18.88
N ARG B 164 14.91 -14.71 19.11
CA ARG B 164 15.29 -13.33 19.33
C ARG B 164 14.90 -12.37 18.21
N ALA B 165 14.84 -12.88 16.97
CA ALA B 165 14.50 -12.02 15.84
C ALA B 165 13.01 -11.69 15.88
N LYS B 166 12.18 -12.73 16.01
CA LYS B 166 10.75 -12.54 16.27
C LYS B 166 10.53 -11.58 17.44
N ARG B 167 11.22 -11.82 18.56
CA ARG B 167 11.02 -10.98 19.75
C ARG B 167 11.38 -9.51 19.50
N ARG B 168 12.55 -9.28 18.90
CA ARG B 168 13.00 -7.95 18.63
C ARG B 168 12.08 -7.23 17.61
N ILE B 169 11.48 -7.97 16.70
CA ILE B 169 10.49 -7.38 15.82
C ILE B 169 9.29 -6.89 16.65
N LYS B 170 8.78 -7.74 17.54
CA LYS B 170 7.63 -7.39 18.37
C LYS B 170 7.97 -6.16 19.18
N LYS B 171 9.18 -6.11 19.69
CA LYS B 171 9.58 -5.02 20.53
C LYS B 171 9.63 -3.68 19.73
N ILE B 172 10.37 -3.68 18.63
CA ILE B 172 10.60 -2.44 17.92
C ILE B 172 9.31 -1.85 17.34
N GLU B 173 8.46 -2.74 16.82
CA GLU B 173 7.20 -2.32 16.20
C GLU B 173 6.29 -1.70 17.22
N LYS B 174 6.12 -2.37 18.36
CA LYS B 174 5.36 -1.84 19.50
C LYS B 174 5.82 -0.43 19.89
N GLU B 175 7.14 -0.21 19.92
CA GLU B 175 7.70 1.11 20.14
C GLU B 175 7.23 2.06 19.05
N ARG B 176 7.13 1.57 17.83
CA ARG B 176 6.74 2.43 16.73
C ARG B 176 5.23 2.77 16.73
N LYS B 177 4.37 1.85 17.17
CA LYS B 177 2.92 2.15 17.23
C LYS B 177 2.69 3.22 18.30
N GLU B 178 3.20 2.94 19.49
CA GLU B 178 2.99 3.83 20.61
C GLU B 178 3.58 5.20 20.32
N TYR B 179 4.77 5.21 19.72
CA TYR B 179 5.41 6.46 19.38
C TYR B 179 4.54 7.26 18.44
N TYR B 180 4.04 6.60 17.41
CA TYR B 180 3.20 7.23 16.40
C TYR B 180 1.90 7.79 16.99
N LYS B 181 1.15 6.95 17.71
CA LYS B 181 -0.14 7.37 18.23
C LYS B 181 0.05 8.45 19.28
N TYR B 182 1.19 8.42 19.94
CA TYR B 182 1.42 9.41 20.96
C TYR B 182 1.63 10.80 20.36
N PHE B 183 2.28 10.87 19.21
CA PHE B 183 2.66 12.14 18.62
C PHE B 183 1.89 12.55 17.37
N THR B 184 0.77 11.89 17.10
CA THR B 184 0.01 12.12 15.86
C THR B 184 -1.46 11.88 16.11
N GLY B 185 -1.77 11.21 17.22
CA GLY B 185 -3.13 10.77 17.50
C GLY B 185 -3.60 9.70 16.54
N SER B 186 -2.77 9.33 15.59
CA SER B 186 -3.20 8.45 14.53
C SER B 186 -2.53 7.08 14.68
N GLU B 187 -2.80 6.16 13.75
CA GLU B 187 -2.21 4.82 13.84
C GLU B 187 -1.13 4.50 12.82
N TRP B 188 -0.02 3.95 13.33
CA TRP B 188 1.25 3.82 12.61
C TRP B 188 1.14 2.98 11.32
N HIS B 189 0.50 1.84 11.44
CA HIS B 189 0.57 0.89 10.35
C HIS B 189 -0.67 1.08 9.46
N SER B 190 -1.13 2.34 9.31
CA SER B 190 -2.39 2.65 8.63
C SER B 190 -2.36 3.38 7.26
N LYS B 192 -4.28 5.14 5.19
CA LYS B 192 -4.78 6.47 4.92
C LYS B 192 -3.76 7.55 5.21
N ASN B 193 -2.73 7.20 6.00
CA ASN B 193 -1.63 8.09 6.38
C ASN B 193 -0.43 8.12 5.41
N TYR B 194 -0.59 7.49 4.25
CA TYR B 194 0.52 7.32 3.31
C TYR B 194 -0.02 7.46 1.92
N ASP B 195 0.82 7.97 1.00
CA ASP B 195 0.48 7.95 -0.41
C ASP B 195 0.67 6.55 -0.97
N LEU B 196 1.77 5.89 -0.68
CA LEU B 196 2.04 4.58 -1.33
C LEU B 196 2.64 3.55 -0.36
N PRO B 197 1.81 2.66 0.16
CA PRO B 197 2.42 1.53 0.84
C PRO B 197 3.04 0.58 -0.20
N ILE B 198 4.19 0.01 0.12
CA ILE B 198 4.84 -0.91 -0.80
C ILE B 198 5.18 -2.17 -0.07
N ASN B 199 4.77 -3.29 -0.64
CA ASN B 199 5.08 -4.63 -0.17
C ASN B 199 6.26 -5.12 -0.90
N THR B 200 7.41 -5.23 -0.25
CA THR B 200 8.65 -5.65 -0.93
C THR B 200 8.80 -7.16 -1.02
N THR B 201 7.88 -7.91 -0.44
CA THR B 201 7.97 -9.37 -0.48
C THR B 201 8.49 -9.92 -1.79
N LYS B 202 7.99 -9.40 -2.92
CA LYS B 202 8.35 -9.89 -4.28
C LYS B 202 9.09 -8.88 -5.14
N LEU B 203 9.68 -7.88 -4.51
CA LEU B 203 10.35 -6.84 -5.26
C LEU B 203 11.83 -6.89 -4.97
N THR B 204 12.62 -7.08 -6.03
CA THR B 204 14.05 -6.85 -5.89
C THR B 204 14.21 -5.38 -5.49
N LEU B 205 15.32 -5.05 -4.85
CA LEU B 205 15.65 -3.66 -4.53
C LEU B 205 15.50 -2.68 -5.72
N GLU B 206 16.07 -3.01 -6.86
CA GLU B 206 15.94 -2.06 -7.96
C GLU B 206 14.49 -1.87 -8.34
N GLU B 207 13.74 -2.99 -8.35
CA GLU B 207 12.33 -2.94 -8.68
C GLU B 207 11.62 -1.99 -7.77
N THR B 208 12.01 -1.95 -6.49
CA THR B 208 11.35 -1.11 -5.48
C THR B 208 11.64 0.36 -5.77
N ALA B 209 12.92 0.66 -5.84
CA ALA B 209 13.38 1.99 -6.19
C ALA B 209 12.74 2.48 -7.48
N GLU B 210 12.57 1.58 -8.43
CA GLU B 210 12.07 1.97 -9.73
C GLU B 210 10.57 2.34 -9.62
N LEU B 211 9.83 1.53 -8.87
CA LEU B 211 8.44 1.79 -8.55
C LEU B 211 8.27 3.15 -7.89
N ILE B 212 9.14 3.50 -6.93
CA ILE B 212 9.01 4.79 -6.28
C ILE B 212 9.22 5.92 -7.29
N LYS B 213 10.15 5.72 -8.23
CA LYS B 213 10.37 6.73 -9.27
C LYS B 213 9.24 6.77 -10.32
N ALA B 214 8.64 5.62 -10.61
CA ALA B 214 7.49 5.64 -11.50
C ALA B 214 6.46 6.58 -10.87
N TYR B 215 6.33 6.48 -9.55
CA TYR B 215 5.39 7.29 -8.81
C TYR B 215 5.69 8.79 -8.90
N ILE B 216 6.94 9.14 -8.60
CA ILE B 216 7.41 10.51 -8.73
C ILE B 216 7.09 11.05 -10.10
N ARG B 217 7.29 10.23 -11.13
CA ARG B 217 7.02 10.68 -12.51
C ARG B 217 5.56 10.95 -12.76
N LEU B 218 4.72 10.11 -12.18
CA LEU B 218 3.28 10.24 -12.30
C LEU B 218 2.81 11.52 -11.62
N LYS B 219 3.39 11.79 -10.46
CA LYS B 219 3.06 12.97 -9.71
C LYS B 219 3.60 14.21 -10.40
N GLY B 220 4.44 13.97 -11.41
CA GLY B 220 5.10 15.03 -12.13
C GLY B 220 6.12 15.73 -11.25
N PHE B 221 6.70 15.01 -10.32
CA PHE B 221 7.67 15.66 -9.45
C PHE B 221 9.09 15.57 -10.00
#